data_4XB1
#
_entry.id   4XB1
#
_cell.length_a   112.560
_cell.length_b   112.560
_cell.length_c   95.885
_cell.angle_alpha   90.000
_cell.angle_beta   90.000
_cell.angle_gamma   90.000
#
_symmetry.space_group_name_H-M   'P 41'
#
loop_
_entity.id
_entity.type
_entity.pdbx_description
1 polymer '319aa long hypothetical homoserine dehydrogenase'
2 non-polymer 'NADPH DIHYDRO-NICOTINAMIDE-ADENINE-DINUCLEOTIDE PHOSPHATE'
3 non-polymer 'SODIUM ION'
4 non-polymer (4S)-2-METHYL-2,4-PENTANEDIOL
5 water water
#
_entity_poly.entity_id   1
_entity_poly.type   'polypeptide(L)'
_entity_poly.pdbx_seq_one_letter_code
;MNHKVHHHHHHIEGRHMKVNISIFGFGTVGRALAEIIAEKSRIFGVELNVISITDRSGTIWGDFDLLEAKEVKESTGKLS
NIGDYEVYNFSPQELVEEVKPNILVDVSSWDEAHEMYKVALGEGISVVTSNKPPIANYYDELMNLAKENNAGIFFESTVM
AGTPIIGVLRENLLGENIKRIDAVVNASTTFILTKMSEGKTLDDAIEEAKSLGILEEDPSKDIDGIDAYYKAKILHWVSY
GEPPEEEERLGIREVRDARNVRLVAQVSKGKISVKPRKLSSDNPLLVEGVQNAAVIRTNNLGEVILKGPGGGGRVTASGV
FTDIIKATLKFPNLR
;
_entity_poly.pdbx_strand_id   A,B
#
# COMPACT_ATOMS: atom_id res chain seq x y z
N MET A 17 3.95 22.89 -9.69
CA MET A 17 5.28 22.63 -9.03
C MET A 17 6.27 21.73 -9.83
N LYS A 18 7.27 22.38 -10.43
CA LYS A 18 7.96 21.89 -11.62
C LYS A 18 9.20 21.07 -11.19
N VAL A 19 9.53 19.97 -11.85
CA VAL A 19 10.66 19.22 -11.36
C VAL A 19 11.48 18.68 -12.52
N ASN A 20 12.79 18.75 -12.43
CA ASN A 20 13.62 18.13 -13.44
C ASN A 20 14.18 16.81 -12.99
N ILE A 21 14.18 15.91 -13.93
CA ILE A 21 14.50 14.55 -13.72
C ILE A 21 15.59 14.06 -14.62
N SER A 22 16.57 13.34 -14.07
CA SER A 22 17.55 12.65 -14.90
C SER A 22 17.30 11.21 -14.86
N ILE A 23 17.11 10.61 -16.03
CA ILE A 23 16.90 9.19 -16.15
C ILE A 23 18.18 8.55 -16.47
N PHE A 24 18.62 7.67 -15.59
CA PHE A 24 19.87 6.95 -15.74
C PHE A 24 19.59 5.50 -16.08
N GLY A 25 19.94 5.10 -17.29
CA GLY A 25 19.53 3.88 -17.94
C GLY A 25 18.34 4.11 -18.85
N PHE A 26 18.30 3.41 -19.95
CA PHE A 26 17.21 3.54 -20.88
C PHE A 26 16.89 2.27 -21.61
N GLY A 27 16.60 1.24 -20.84
CA GLY A 27 16.28 -0.06 -21.37
C GLY A 27 14.80 -0.29 -21.41
N THR A 28 14.39 -1.54 -21.31
CA THR A 28 12.97 -1.87 -21.25
C THR A 28 12.25 -0.97 -20.23
N VAL A 29 12.81 -0.85 -19.04
CA VAL A 29 12.10 -0.10 -18.00
C VAL A 29 12.09 1.39 -18.26
N GLY A 30 13.27 1.94 -18.54
CA GLY A 30 13.35 3.40 -18.84
C GLY A 30 12.54 3.90 -20.00
N ARG A 31 12.48 3.07 -21.05
CA ARG A 31 11.61 3.43 -22.18
C ARG A 31 10.15 3.38 -21.81
N ALA A 32 9.74 2.38 -21.02
CA ALA A 32 8.30 2.36 -20.63
C ALA A 32 8.02 3.55 -19.70
N LEU A 33 9.04 3.92 -18.93
CA LEU A 33 8.86 5.05 -18.00
C LEU A 33 8.70 6.31 -18.83
N ALA A 34 9.42 6.40 -19.95
CA ALA A 34 9.24 7.61 -20.85
C ALA A 34 7.80 7.71 -21.34
N GLU A 35 7.20 6.57 -21.64
CA GLU A 35 5.79 6.60 -22.08
C GLU A 35 4.84 7.07 -21.00
N ILE A 36 5.02 6.52 -19.81
CA ILE A 36 4.13 6.89 -18.69
C ILE A 36 4.38 8.35 -18.32
N ILE A 37 5.61 8.76 -18.31
CA ILE A 37 5.83 10.20 -18.01
C ILE A 37 5.18 11.07 -19.07
N ALA A 38 5.29 10.68 -20.34
CA ALA A 38 4.64 11.52 -21.40
C ALA A 38 3.12 11.56 -21.27
N GLU A 39 2.50 10.46 -20.82
CA GLU A 39 1.08 10.44 -20.66
C GLU A 39 0.68 11.23 -19.43
N LYS A 40 1.51 11.29 -18.39
CA LYS A 40 1.06 11.84 -17.12
C LYS A 40 2.00 12.93 -16.55
N SER A 41 2.63 13.70 -17.40
CA SER A 41 3.66 14.68 -16.90
C SER A 41 3.10 15.79 -15.99
N ARG A 42 1.79 16.02 -16.03
CA ARG A 42 1.13 17.10 -15.28
C ARG A 42 0.04 16.46 -14.50
N ILE A 43 0.31 16.05 -13.29
CA ILE A 43 -0.58 15.09 -12.61
C ILE A 43 -0.40 15.48 -11.17
N PHE A 44 -1.52 15.64 -10.47
CA PHE A 44 -1.51 16.16 -9.11
C PHE A 44 -0.90 17.58 -9.05
N GLY A 45 -1.13 18.37 -10.11
CA GLY A 45 -0.53 19.68 -10.28
C GLY A 45 0.99 19.74 -10.16
N VAL A 46 1.65 18.63 -10.46
CA VAL A 46 3.12 18.58 -10.55
C VAL A 46 3.46 18.74 -12.01
N GLU A 47 4.67 19.17 -12.34
CA GLU A 47 5.06 19.15 -13.73
C GLU A 47 6.43 18.49 -13.90
N LEU A 48 6.44 17.35 -14.57
CA LEU A 48 7.65 16.56 -14.69
C LEU A 48 8.32 16.90 -16.00
N ASN A 49 9.59 17.18 -15.92
CA ASN A 49 10.43 17.40 -17.06
C ASN A 49 11.70 16.51 -17.02
N VAL A 50 11.88 15.72 -18.07
CA VAL A 50 13.04 14.94 -18.21
C VAL A 50 14.13 15.77 -18.85
N ILE A 51 15.16 16.17 -18.09
CA ILE A 51 16.22 17.03 -18.64
C ILE A 51 17.40 16.26 -19.14
N SER A 52 17.60 15.03 -18.72
CA SER A 52 18.64 14.21 -19.26
C SER A 52 18.24 12.76 -19.27
N ILE A 53 18.79 12.01 -20.21
CA ILE A 53 18.72 10.56 -20.21
C ILE A 53 20.10 10.05 -20.53
N THR A 54 20.47 8.92 -19.94
CA THR A 54 21.81 8.38 -20.00
C THR A 54 21.74 6.89 -20.28
N ASP A 55 22.50 6.44 -21.30
CA ASP A 55 22.75 5.01 -21.55
C ASP A 55 24.23 4.85 -21.75
N ARG A 56 24.63 3.70 -22.26
CA ARG A 56 26.05 3.48 -22.45
C ARG A 56 26.59 4.31 -23.61
N SER A 57 25.74 4.78 -24.49
CA SER A 57 26.24 5.68 -25.54
C SER A 57 26.59 7.11 -25.08
N GLY A 58 26.08 7.51 -23.91
CA GLY A 58 26.34 8.84 -23.35
C GLY A 58 25.03 9.43 -22.78
N THR A 59 25.07 10.71 -22.45
CA THR A 59 23.96 11.42 -21.88
C THR A 59 23.50 12.47 -22.88
N ILE A 60 22.20 12.50 -23.17
CA ILE A 60 21.59 13.64 -23.81
C ILE A 60 20.95 14.53 -22.79
N TRP A 61 21.05 15.83 -23.04
CA TRP A 61 20.84 16.84 -22.02
C TRP A 61 20.27 18.06 -22.74
N GLY A 62 19.12 18.50 -22.29
CA GLY A 62 18.52 19.62 -22.92
C GLY A 62 17.07 19.43 -23.14
N ASP A 63 16.63 19.96 -24.26
CA ASP A 63 15.26 20.10 -24.63
C ASP A 63 14.73 19.07 -25.58
N PHE A 64 15.36 17.91 -25.60
CA PHE A 64 15.00 16.86 -26.52
C PHE A 64 13.57 16.44 -26.23
N ASP A 65 12.90 15.90 -27.22
CA ASP A 65 11.57 15.41 -27.06
C ASP A 65 11.68 13.98 -26.47
N LEU A 66 10.98 13.78 -25.37
CA LEU A 66 11.04 12.50 -24.65
C LEU A 66 10.70 11.29 -25.55
N LEU A 67 9.56 11.33 -26.21
CA LEU A 67 9.10 10.17 -27.04
C LEU A 67 10.00 9.93 -28.25
N GLU A 68 10.49 11.02 -28.81
CA GLU A 68 11.50 10.86 -29.85
C GLU A 68 12.72 10.15 -29.33
N ALA A 69 13.18 10.58 -28.13
CA ALA A 69 14.37 9.90 -27.57
C ALA A 69 14.05 8.44 -27.37
N LYS A 70 12.85 8.14 -26.98
CA LYS A 70 12.46 6.71 -26.86
C LYS A 70 12.44 5.98 -28.21
N GLU A 71 11.86 6.62 -29.23
CA GLU A 71 11.81 6.05 -30.60
C GLU A 71 13.23 5.80 -31.07
N VAL A 72 14.12 6.77 -30.87
CA VAL A 72 15.46 6.54 -31.39
C VAL A 72 16.22 5.44 -30.72
N LYS A 73 16.02 5.29 -29.43
CA LYS A 73 16.75 4.26 -28.68
C LYS A 73 16.27 2.89 -29.10
N GLU A 74 14.97 2.79 -29.25
CA GLU A 74 14.32 1.53 -29.68
C GLU A 74 14.76 1.13 -31.08
N SER A 75 14.67 2.03 -32.07
CA SER A 75 15.15 1.74 -33.47
C SER A 75 16.65 1.45 -33.55
N THR A 76 17.49 2.27 -32.93
CA THR A 76 18.94 2.17 -33.18
C THR A 76 19.76 1.55 -32.09
N GLY A 77 19.21 1.43 -30.87
CA GLY A 77 19.98 0.90 -29.75
C GLY A 77 20.79 1.96 -28.98
N LYS A 78 20.69 3.23 -29.34
CA LYS A 78 21.64 4.24 -28.81
C LYS A 78 21.04 5.62 -28.75
N LEU A 79 21.44 6.38 -27.75
CA LEU A 79 20.89 7.71 -27.57
C LEU A 79 21.60 8.71 -28.45
N SER A 80 22.72 8.29 -29.03
CA SER A 80 23.56 9.15 -29.83
C SER A 80 22.86 9.72 -31.04
N ASN A 81 22.01 8.91 -31.63
CA ASN A 81 21.42 9.18 -32.91
C ASN A 81 20.39 10.28 -33.00
N ILE A 82 19.89 10.73 -31.88
CA ILE A 82 18.77 11.61 -31.86
C ILE A 82 19.15 12.77 -32.74
N GLY A 83 18.20 13.27 -33.49
CA GLY A 83 18.45 14.41 -34.34
C GLY A 83 18.59 15.67 -33.54
N ASP A 84 19.65 16.41 -33.82
CA ASP A 84 19.93 17.68 -33.17
C ASP A 84 20.39 17.70 -31.75
N TYR A 85 20.91 16.58 -31.26
CA TYR A 85 21.56 16.58 -29.97
C TYR A 85 22.80 15.72 -30.11
N GLU A 86 23.87 16.11 -29.43
CA GLU A 86 25.03 15.26 -29.31
C GLU A 86 25.28 14.87 -27.86
N VAL A 87 25.54 13.62 -27.67
CA VAL A 87 25.70 13.14 -26.34
C VAL A 87 26.94 13.75 -25.70
N TYR A 88 26.87 13.77 -24.40
CA TYR A 88 27.97 14.05 -23.53
C TYR A 88 28.41 12.72 -22.90
N ASN A 89 29.71 12.51 -22.85
CA ASN A 89 30.28 11.43 -22.15
C ASN A 89 30.56 11.86 -20.72
N PHE A 90 29.50 11.76 -19.89
CA PHE A 90 29.58 12.04 -18.47
C PHE A 90 29.76 10.78 -17.65
N SER A 91 30.71 10.80 -16.73
CA SER A 91 30.73 9.90 -15.62
C SER A 91 29.47 10.21 -14.77
N PRO A 92 29.10 9.26 -13.88
CA PRO A 92 27.93 9.47 -13.03
C PRO A 92 28.03 10.72 -12.24
N GLN A 93 29.19 10.99 -11.69
CA GLN A 93 29.41 12.19 -10.93
C GLN A 93 29.33 13.47 -11.73
N GLU A 94 29.88 13.43 -12.94
CA GLU A 94 29.85 14.64 -13.79
C GLU A 94 28.42 14.85 -14.20
N LEU A 95 27.68 13.76 -14.48
CA LEU A 95 26.22 13.90 -14.81
C LEU A 95 25.54 14.69 -13.75
N VAL A 96 25.75 14.28 -12.51
CA VAL A 96 25.06 14.92 -11.41
C VAL A 96 25.45 16.37 -11.23
N GLU A 97 26.77 16.60 -11.24
CA GLU A 97 27.28 17.99 -10.99
C GLU A 97 26.89 18.92 -12.09
N GLU A 98 26.82 18.44 -13.33
CA GLU A 98 26.48 19.42 -14.42
C GLU A 98 24.99 19.55 -14.61
N VAL A 99 24.28 18.41 -14.61
CA VAL A 99 22.88 18.47 -14.94
C VAL A 99 22.03 18.97 -13.79
N LYS A 100 22.45 18.65 -12.58
CA LYS A 100 21.74 19.12 -11.40
C LYS A 100 20.24 18.88 -11.42
N PRO A 101 19.81 17.64 -11.69
CA PRO A 101 18.36 17.46 -11.67
C PRO A 101 17.85 17.56 -10.22
N ASN A 102 16.56 17.73 -10.05
CA ASN A 102 15.95 17.57 -8.71
C ASN A 102 15.83 16.10 -8.27
N ILE A 103 15.58 15.20 -9.23
CA ILE A 103 15.45 13.76 -8.95
C ILE A 103 16.28 12.99 -9.93
N LEU A 104 17.09 12.09 -9.44
CA LEU A 104 17.81 11.15 -10.21
C LEU A 104 17.10 9.79 -10.18
N VAL A 105 16.79 9.27 -11.36
CA VAL A 105 16.08 8.03 -11.50
C VAL A 105 17.01 7.00 -12.08
N ASP A 106 17.33 5.98 -11.29
CA ASP A 106 18.17 4.87 -11.74
C ASP A 106 17.32 3.69 -12.14
N VAL A 107 17.32 3.44 -13.44
CA VAL A 107 16.68 2.28 -14.06
C VAL A 107 17.70 1.48 -14.88
N SER A 108 18.92 1.47 -14.42
CA SER A 108 20.00 0.76 -15.03
C SER A 108 20.29 -0.54 -14.37
N SER A 109 21.17 -1.31 -15.00
CA SER A 109 21.72 -2.58 -14.48
C SER A 109 23.15 -2.43 -13.98
N TRP A 110 23.50 -1.24 -13.50
CA TRP A 110 24.82 -1.00 -12.95
C TRP A 110 24.88 -1.28 -11.45
N ASP A 111 25.61 -2.32 -11.07
CA ASP A 111 25.55 -2.90 -9.74
C ASP A 111 26.01 -1.95 -8.66
N GLU A 112 26.98 -1.13 -8.99
CA GLU A 112 27.65 -0.29 -8.03
C GLU A 112 27.12 1.12 -7.98
N ALA A 113 25.93 1.31 -8.51
CA ALA A 113 25.34 2.62 -8.62
C ALA A 113 25.20 3.35 -7.32
N HIS A 114 25.34 2.68 -6.16
CA HIS A 114 25.38 3.40 -4.88
C HIS A 114 26.34 4.57 -4.83
N GLU A 115 27.50 4.42 -5.48
CA GLU A 115 28.55 5.51 -5.61
C GLU A 115 27.92 6.76 -6.25
N MET A 116 27.11 6.57 -7.28
CA MET A 116 26.43 7.74 -7.87
C MET A 116 25.38 8.29 -6.92
N TYR A 117 24.62 7.37 -6.30
CA TYR A 117 23.60 7.88 -5.35
C TYR A 117 24.22 8.77 -4.27
N LYS A 118 25.39 8.42 -3.75
CA LYS A 118 26.09 9.24 -2.68
C LYS A 118 26.35 10.65 -3.14
N VAL A 119 26.87 10.75 -4.35
CA VAL A 119 27.01 12.07 -4.99
C VAL A 119 25.71 12.82 -5.06
N ALA A 120 24.67 12.16 -5.56
CA ALA A 120 23.42 12.91 -5.72
C ALA A 120 22.80 13.34 -4.39
N LEU A 121 22.80 12.41 -3.45
CA LEU A 121 22.16 12.69 -2.14
C LEU A 121 23.02 13.77 -1.44
N GLY A 122 24.34 13.61 -1.51
CA GLY A 122 25.25 14.68 -1.12
C GLY A 122 24.88 16.11 -1.55
N GLU A 123 24.20 16.26 -2.69
CA GLU A 123 23.73 17.59 -3.22
C GLU A 123 22.27 17.90 -2.98
N GLY A 124 21.60 17.10 -2.17
CA GLY A 124 20.22 17.44 -1.96
C GLY A 124 19.30 16.81 -3.00
N ILE A 125 19.84 15.95 -3.86
CA ILE A 125 19.04 15.40 -4.94
C ILE A 125 18.39 14.07 -4.51
N SER A 126 17.08 13.94 -4.62
CA SER A 126 16.44 12.65 -4.27
C SER A 126 16.68 11.61 -5.34
N VAL A 127 16.71 10.34 -4.90
CA VAL A 127 16.95 9.16 -5.74
C VAL A 127 15.74 8.22 -5.73
N VAL A 128 15.30 7.87 -6.93
CA VAL A 128 14.32 6.85 -7.25
C VAL A 128 15.03 5.75 -8.10
N THR A 129 14.86 4.50 -7.71
CA THR A 129 15.57 3.44 -8.35
C THR A 129 14.76 2.16 -8.46
N SER A 130 15.07 1.38 -9.48
CA SER A 130 14.55 0.05 -9.67
C SER A 130 15.68 -0.91 -9.59
N ASN A 131 16.86 -0.40 -9.25
CA ASN A 131 18.11 -1.16 -9.26
C ASN A 131 18.45 -1.72 -7.86
N LYS A 132 18.56 -3.01 -7.71
CA LYS A 132 18.49 -3.68 -6.40
C LYS A 132 19.78 -3.62 -5.55
N PRO A 133 20.95 -3.91 -6.16
CA PRO A 133 22.08 -4.09 -5.25
C PRO A 133 22.41 -2.90 -4.33
N PRO A 134 22.29 -1.68 -4.82
CA PRO A 134 22.59 -0.54 -3.97
C PRO A 134 21.75 -0.44 -2.70
N ILE A 135 20.48 -0.76 -2.85
CA ILE A 135 19.54 -0.71 -1.74
C ILE A 135 19.82 -1.93 -0.83
N ALA A 136 19.92 -3.12 -1.43
CA ALA A 136 20.15 -4.36 -0.68
C ALA A 136 21.44 -4.23 0.14
N ASN A 137 22.50 -3.63 -0.41
CA ASN A 137 23.77 -3.53 0.34
C ASN A 137 24.05 -2.24 1.06
N TYR A 138 23.42 -1.12 0.71
CA TYR A 138 23.81 0.16 1.32
C TYR A 138 22.66 0.96 1.88
N TYR A 139 21.52 0.36 2.18
CA TYR A 139 20.33 1.15 2.54
C TYR A 139 20.60 2.11 3.69
N ASP A 140 21.32 1.62 4.70
CA ASP A 140 21.54 2.38 5.93
C ASP A 140 22.26 3.63 5.62
N GLU A 141 23.40 3.44 4.99
CA GLU A 141 24.29 4.54 4.59
C GLU A 141 23.59 5.52 3.66
N LEU A 142 22.81 5.00 2.72
CA LEU A 142 22.06 5.89 1.80
C LEU A 142 20.96 6.68 2.49
N MET A 143 20.24 5.96 3.34
CA MET A 143 19.19 6.64 4.11
C MET A 143 19.79 7.73 5.02
N ASN A 144 20.93 7.46 5.66
CA ASN A 144 21.54 8.50 6.57
C ASN A 144 21.87 9.76 5.78
N LEU A 145 22.48 9.51 4.61
CA LEU A 145 22.90 10.58 3.68
C LEU A 145 21.72 11.40 3.22
N ALA A 146 20.63 10.72 2.88
CA ALA A 146 19.43 11.42 2.42
C ALA A 146 18.86 12.34 3.49
N LYS A 147 18.77 11.78 4.69
CA LYS A 147 18.31 12.54 5.86
C LYS A 147 19.21 13.75 6.11
N GLU A 148 20.50 13.54 6.10
CA GLU A 148 21.41 14.68 6.31
C GLU A 148 21.23 15.72 5.25
N ASN A 149 20.76 15.38 4.03
CA ASN A 149 20.74 16.43 2.99
C ASN A 149 19.41 16.83 2.58
N ASN A 150 18.46 16.58 3.48
CA ASN A 150 17.08 16.95 3.21
C ASN A 150 16.49 16.27 1.91
N ALA A 151 16.84 15.01 1.66
CA ALA A 151 16.40 14.36 0.41
C ALA A 151 15.73 13.04 0.76
N GLY A 152 15.14 12.33 -0.22
CA GLY A 152 14.55 11.00 0.02
C GLY A 152 15.12 9.98 -0.97
N ILE A 153 14.96 8.72 -0.64
CA ILE A 153 15.32 7.67 -1.52
C ILE A 153 14.10 6.71 -1.57
N PHE A 154 13.77 6.31 -2.78
CA PHE A 154 12.60 5.53 -3.09
C PHE A 154 13.00 4.38 -4.01
N PHE A 155 12.46 3.21 -3.72
CA PHE A 155 12.88 2.02 -4.39
C PHE A 155 11.78 0.99 -4.66
N GLU A 156 10.60 1.43 -5.00
CA GLU A 156 9.46 0.55 -5.01
C GLU A 156 9.69 -0.63 -5.93
N SER A 157 10.23 -0.38 -7.09
CA SER A 157 10.34 -1.39 -8.15
C SER A 157 11.53 -2.32 -8.01
N THR A 158 12.37 -2.15 -7.00
CA THR A 158 13.37 -3.14 -6.67
C THR A 158 12.76 -4.45 -6.12
N VAL A 159 11.49 -4.47 -5.72
CA VAL A 159 10.87 -5.72 -5.23
C VAL A 159 9.42 -5.84 -5.67
N MET A 160 9.13 -6.88 -6.39
CA MET A 160 7.81 -7.14 -6.92
C MET A 160 7.43 -6.04 -7.87
N ALA A 161 8.43 -5.37 -8.39
CA ALA A 161 8.23 -4.38 -9.43
C ALA A 161 7.19 -3.32 -9.05
N GLY A 162 6.21 -3.12 -9.91
CA GLY A 162 5.13 -2.21 -9.70
C GLY A 162 4.11 -2.58 -8.67
N THR A 163 4.14 -3.82 -8.21
CA THR A 163 3.18 -4.23 -7.18
C THR A 163 3.69 -3.58 -5.89
N PRO A 164 2.81 -2.84 -5.21
CA PRO A 164 3.32 -1.89 -4.21
C PRO A 164 3.63 -2.44 -2.83
N ILE A 165 4.45 -3.45 -2.77
CA ILE A 165 4.89 -4.03 -1.51
C ILE A 165 5.72 -3.06 -0.69
N ILE A 166 6.54 -2.23 -1.35
CA ILE A 166 7.39 -1.33 -0.62
C ILE A 166 6.51 -0.24 -0.01
N GLY A 167 5.62 0.32 -0.81
CA GLY A 167 4.69 1.31 -0.25
C GLY A 167 3.92 0.79 0.96
N VAL A 168 3.43 -0.44 0.84
CA VAL A 168 2.70 -1.06 1.90
C VAL A 168 3.53 -1.20 3.18
N LEU A 169 4.76 -1.70 3.09
CA LEU A 169 5.59 -1.89 4.22
C LEU A 169 6.19 -0.60 4.80
N ARG A 170 6.49 0.37 3.95
CA ARG A 170 7.28 1.50 4.34
C ARG A 170 6.47 2.69 4.80
N GLU A 171 5.25 2.80 4.26
CA GLU A 171 4.35 3.88 4.55
C GLU A 171 3.00 3.45 5.17
N ASN A 172 2.83 2.18 5.44
CA ASN A 172 1.58 1.71 5.99
C ASN A 172 1.94 0.70 7.07
N LEU A 173 0.98 0.16 7.79
CA LEU A 173 1.32 -0.78 8.86
C LEU A 173 2.21 -0.09 9.88
N LEU A 174 2.01 1.21 10.02
CA LEU A 174 2.90 2.04 10.78
C LEU A 174 2.76 1.73 12.30
N GLY A 175 1.64 1.15 12.75
CA GLY A 175 1.58 0.69 14.10
C GLY A 175 1.98 -0.73 14.29
N GLU A 176 2.49 -1.39 13.26
CA GLU A 176 2.68 -2.82 13.32
C GLU A 176 4.09 -3.21 13.56
N ASN A 177 4.25 -4.41 14.10
CA ASN A 177 5.54 -5.11 14.17
C ASN A 177 5.41 -6.22 13.15
N ILE A 178 6.40 -6.28 12.27
CA ILE A 178 6.39 -7.27 11.23
C ILE A 178 7.07 -8.49 11.78
N LYS A 179 6.26 -9.52 11.91
CA LYS A 179 6.72 -10.77 12.48
C LYS A 179 7.43 -11.57 11.44
N ARG A 180 6.77 -11.78 10.31
CA ARG A 180 7.53 -12.20 9.14
C ARG A 180 6.93 -11.87 7.80
N ILE A 181 7.74 -12.08 6.77
CA ILE A 181 7.23 -12.02 5.40
C ILE A 181 7.65 -13.28 4.61
N ASP A 182 6.72 -13.91 3.91
CA ASP A 182 7.06 -14.97 2.98
C ASP A 182 6.66 -14.46 1.60
N ALA A 183 7.55 -14.58 0.62
CA ALA A 183 7.30 -13.97 -0.66
C ALA A 183 7.94 -14.76 -1.80
N VAL A 184 7.19 -14.86 -2.89
CA VAL A 184 7.66 -15.50 -4.14
C VAL A 184 7.84 -14.34 -5.13
N VAL A 185 9.10 -14.00 -5.34
CA VAL A 185 9.42 -12.75 -6.02
C VAL A 185 10.25 -12.90 -7.34
N ASN A 186 10.37 -14.11 -7.85
CA ASN A 186 11.19 -14.33 -9.02
C ASN A 186 10.51 -15.19 -10.04
N ALA A 187 9.83 -14.56 -11.01
CA ALA A 187 9.05 -15.27 -12.04
C ALA A 187 9.85 -16.25 -12.95
N SER A 188 11.11 -15.91 -13.18
CA SER A 188 12.00 -16.75 -13.97
C SER A 188 12.09 -18.14 -13.41
N THR A 189 12.37 -18.26 -12.12
CA THR A 189 12.35 -19.58 -11.43
C THR A 189 10.99 -20.18 -11.49
N THR A 190 9.96 -19.39 -11.43
CA THR A 190 8.65 -20.04 -11.53
C THR A 190 8.48 -20.72 -12.90
N PHE A 191 8.94 -20.06 -13.95
CA PHE A 191 8.84 -20.60 -15.28
C PHE A 191 9.66 -21.93 -15.39
N ILE A 192 10.90 -21.94 -14.94
CA ILE A 192 11.70 -23.13 -14.91
C ILE A 192 11.00 -24.25 -14.21
N LEU A 193 10.57 -23.98 -12.99
CA LEU A 193 9.97 -25.01 -12.17
C LEU A 193 8.69 -25.56 -12.80
N THR A 194 7.91 -24.68 -13.40
CA THR A 194 6.70 -25.09 -14.07
C THR A 194 7.02 -26.04 -15.24
N LYS A 195 8.10 -25.76 -15.98
CA LYS A 195 8.52 -26.67 -17.09
C LYS A 195 8.96 -28.04 -16.55
N MET A 196 9.87 -28.03 -15.57
CA MET A 196 10.28 -29.24 -14.88
C MET A 196 9.03 -30.05 -14.47
N SER A 197 7.99 -29.40 -14.01
CA SER A 197 6.88 -30.16 -13.48
C SER A 197 6.06 -30.75 -14.64
N GLU A 198 6.28 -30.24 -15.84
CA GLU A 198 5.60 -30.65 -17.04
C GLU A 198 6.36 -31.79 -17.77
N GLY A 199 7.58 -32.06 -17.36
CA GLY A 199 8.38 -33.11 -17.98
C GLY A 199 9.79 -32.71 -18.32
N LYS A 200 10.03 -31.41 -18.53
CA LYS A 200 11.34 -30.98 -19.00
C LYS A 200 12.41 -31.20 -17.96
N THR A 201 13.63 -31.30 -18.45
CA THR A 201 14.78 -31.41 -17.60
C THR A 201 15.13 -29.98 -17.19
N LEU A 202 15.93 -29.84 -16.15
CA LEU A 202 16.44 -28.55 -15.75
C LEU A 202 17.04 -27.86 -16.97
N ASP A 203 18.05 -28.49 -17.58
CA ASP A 203 18.92 -27.81 -18.54
C ASP A 203 18.15 -27.37 -19.77
N ASP A 204 17.12 -28.12 -20.13
CA ASP A 204 16.22 -27.75 -21.25
C ASP A 204 15.26 -26.64 -20.86
N ALA A 205 14.73 -26.74 -19.63
CA ALA A 205 13.86 -25.69 -19.09
C ALA A 205 14.67 -24.42 -19.17
N ILE A 206 15.92 -24.48 -18.74
CA ILE A 206 16.81 -23.34 -18.81
C ILE A 206 16.97 -22.82 -20.21
N GLU A 207 17.26 -23.73 -21.13
CA GLU A 207 17.62 -23.29 -22.48
C GLU A 207 16.41 -22.64 -23.09
N GLU A 208 15.25 -23.24 -22.88
CA GLU A 208 14.00 -22.62 -23.37
C GLU A 208 13.71 -21.18 -22.86
N ALA A 209 14.14 -20.95 -21.62
CA ALA A 209 13.91 -19.68 -20.97
C ALA A 209 14.86 -18.67 -21.59
N LYS A 210 16.12 -19.05 -21.82
CA LYS A 210 17.07 -18.18 -22.53
C LYS A 210 16.51 -17.73 -23.83
N SER A 211 15.92 -18.69 -24.56
CA SER A 211 15.46 -18.44 -25.91
C SER A 211 14.29 -17.48 -25.85
N LEU A 212 13.62 -17.41 -24.71
CA LEU A 212 12.44 -16.56 -24.60
C LEU A 212 12.72 -15.22 -23.92
N GLY A 213 13.97 -14.98 -23.55
CA GLY A 213 14.36 -13.78 -22.82
C GLY A 213 14.26 -13.83 -21.29
N ILE A 214 13.69 -14.90 -20.73
CA ILE A 214 13.42 -14.95 -19.27
C ILE A 214 14.67 -15.13 -18.40
N LEU A 215 15.64 -15.86 -18.90
CA LEU A 215 16.96 -15.87 -18.29
C LEU A 215 17.96 -15.28 -19.25
N GLU A 216 19.08 -14.84 -18.70
CA GLU A 216 20.26 -14.41 -19.45
C GLU A 216 21.19 -15.59 -19.82
N GLU A 217 22.29 -15.29 -20.53
CA GLU A 217 23.29 -16.31 -20.89
C GLU A 217 23.91 -16.91 -19.61
N ASP A 218 24.42 -16.05 -18.72
CA ASP A 218 24.63 -16.49 -17.34
C ASP A 218 23.27 -16.29 -16.63
N PRO A 219 22.58 -17.40 -16.35
CA PRO A 219 21.26 -17.34 -15.71
C PRO A 219 21.34 -17.40 -14.19
N SER A 220 22.57 -17.40 -13.66
CA SER A 220 22.84 -17.64 -12.24
C SER A 220 22.08 -16.77 -11.20
N LYS A 221 21.84 -15.52 -11.53
CA LYS A 221 21.16 -14.60 -10.61
C LYS A 221 19.74 -15.02 -10.25
N ASP A 222 19.00 -15.46 -11.25
CA ASP A 222 17.74 -16.10 -11.07
C ASP A 222 17.81 -17.54 -10.46
N ILE A 223 18.65 -18.38 -11.03
CA ILE A 223 18.69 -19.84 -10.73
C ILE A 223 19.29 -20.16 -9.38
N ASP A 224 20.33 -19.41 -9.03
CA ASP A 224 20.91 -19.58 -7.72
C ASP A 224 20.32 -18.67 -6.64
N GLY A 225 19.18 -18.04 -6.89
CA GLY A 225 18.52 -17.33 -5.81
C GLY A 225 19.09 -15.98 -5.42
N ILE A 226 20.00 -15.43 -6.23
CA ILE A 226 20.61 -14.16 -5.88
C ILE A 226 19.64 -13.01 -5.95
N ASP A 227 18.84 -12.97 -7.00
CA ASP A 227 17.86 -11.89 -7.19
C ASP A 227 16.90 -11.91 -6.02
N ALA A 228 16.39 -13.09 -5.73
CA ALA A 228 15.52 -13.29 -4.58
C ALA A 228 16.10 -12.94 -3.23
N TYR A 229 17.37 -13.26 -3.02
CA TYR A 229 18.11 -12.84 -1.84
C TYR A 229 18.23 -11.32 -1.69
N TYR A 230 18.53 -10.63 -2.78
CA TYR A 230 18.60 -9.18 -2.73
C TYR A 230 17.24 -8.59 -2.35
N LYS A 231 16.21 -9.11 -2.97
CA LYS A 231 14.88 -8.68 -2.66
C LYS A 231 14.50 -8.93 -1.18
N ALA A 232 14.84 -10.10 -0.69
CA ALA A 232 14.64 -10.42 0.77
C ALA A 232 15.42 -9.49 1.69
N LYS A 233 16.61 -9.12 1.26
CA LYS A 233 17.42 -8.20 2.01
C LYS A 233 16.76 -6.82 2.09
N ILE A 234 16.15 -6.38 0.98
CA ILE A 234 15.48 -5.08 0.97
C ILE A 234 14.26 -5.09 1.87
N LEU A 235 13.49 -6.13 1.79
CA LEU A 235 12.32 -6.24 2.66
C LEU A 235 12.73 -6.26 4.16
N HIS A 236 13.83 -6.91 4.46
CA HIS A 236 14.36 -6.90 5.80
C HIS A 236 14.76 -5.52 6.21
N TRP A 237 15.44 -4.80 5.35
CA TRP A 237 15.78 -3.44 5.67
C TRP A 237 14.60 -2.62 6.00
N VAL A 238 13.56 -2.69 5.20
CA VAL A 238 12.41 -1.82 5.42
C VAL A 238 11.65 -2.23 6.71
N SER A 239 11.57 -3.52 6.92
CA SER A 239 10.78 -4.03 8.08
C SER A 239 11.47 -3.80 9.45
N TYR A 240 12.80 -3.89 9.50
CA TYR A 240 13.60 -3.91 10.75
C TYR A 240 14.66 -2.79 10.85
N GLY A 241 14.98 -2.11 9.77
CA GLY A 241 15.91 -0.99 9.84
C GLY A 241 17.32 -1.48 10.11
N GLU A 242 17.67 -2.72 9.74
CA GLU A 242 19.01 -3.21 9.91
C GLU A 242 19.26 -4.41 9.00
N PRO A 243 20.55 -4.79 8.80
CA PRO A 243 20.85 -6.00 8.09
C PRO A 243 20.56 -7.22 8.94
N PRO A 244 20.35 -8.38 8.33
CA PRO A 244 20.12 -9.60 9.08
C PRO A 244 21.45 -10.20 9.59
N GLU A 245 21.35 -11.00 10.66
CA GLU A 245 22.52 -11.67 11.32
C GLU A 245 22.68 -13.04 10.72
N GLU A 246 21.62 -13.60 10.18
CA GLU A 246 21.80 -14.84 9.52
C GLU A 246 21.07 -14.91 8.20
N GLU A 247 21.65 -15.68 7.31
CA GLU A 247 21.44 -15.61 5.87
C GLU A 247 21.62 -17.00 5.34
N GLU A 248 20.61 -17.48 4.66
CA GLU A 248 20.67 -18.75 3.98
C GLU A 248 20.20 -18.50 2.54
N ARG A 249 21.01 -18.87 1.55
CA ARG A 249 20.60 -18.80 0.14
C ARG A 249 20.74 -20.10 -0.63
N LEU A 250 19.64 -20.70 -1.06
CA LEU A 250 19.67 -21.87 -1.96
C LEU A 250 18.86 -21.67 -3.24
N GLY A 251 19.41 -22.12 -4.36
CA GLY A 251 18.80 -22.04 -5.65
C GLY A 251 17.90 -23.20 -5.97
N ILE A 252 17.60 -23.33 -7.24
CA ILE A 252 16.78 -24.44 -7.64
C ILE A 252 17.54 -25.56 -8.35
N ARG A 253 18.88 -25.55 -8.35
CA ARG A 253 19.64 -26.56 -9.13
C ARG A 253 19.31 -27.99 -8.71
N GLU A 254 19.16 -28.22 -7.42
CA GLU A 254 18.91 -29.54 -6.88
C GLU A 254 17.44 -29.92 -6.85
N VAL A 255 16.54 -29.11 -7.39
CA VAL A 255 15.15 -29.57 -7.29
C VAL A 255 14.95 -30.82 -8.18
N ARG A 256 14.10 -31.78 -7.75
CA ARG A 256 13.80 -33.03 -8.50
C ARG A 256 12.33 -33.07 -8.84
N ASP A 257 11.49 -33.12 -7.81
CA ASP A 257 10.04 -32.97 -8.02
C ASP A 257 9.78 -31.44 -7.92
N ALA A 258 9.48 -30.82 -9.04
CA ALA A 258 9.25 -29.41 -9.10
C ALA A 258 7.77 -29.07 -8.94
N ARG A 259 6.94 -30.07 -8.76
CA ARG A 259 5.54 -29.84 -8.79
C ARG A 259 5.17 -28.97 -7.62
N ASN A 260 4.48 -27.89 -7.93
CA ASN A 260 4.07 -26.90 -6.96
C ASN A 260 5.21 -26.36 -6.13
N VAL A 261 6.37 -26.24 -6.74
CA VAL A 261 7.52 -25.73 -6.06
C VAL A 261 7.79 -24.31 -6.58
N ARG A 262 8.10 -23.43 -5.65
CA ARG A 262 8.45 -22.06 -5.96
C ARG A 262 9.63 -21.73 -5.14
N LEU A 263 10.42 -20.77 -5.61
CA LEU A 263 11.54 -20.30 -4.80
C LEU A 263 11.06 -19.22 -3.88
N VAL A 264 11.14 -19.48 -2.60
CA VAL A 264 10.43 -18.71 -1.56
C VAL A 264 11.40 -17.94 -0.73
N ALA A 265 11.14 -16.64 -0.55
CA ALA A 265 11.97 -15.81 0.34
C ALA A 265 11.27 -15.65 1.65
N GLN A 266 12.02 -15.91 2.71
CA GLN A 266 11.44 -15.78 4.05
C GLN A 266 12.22 -14.81 4.89
N VAL A 267 11.51 -13.84 5.44
CA VAL A 267 12.10 -12.78 6.19
C VAL A 267 11.50 -12.65 7.59
N SER A 268 12.35 -12.44 8.58
CA SER A 268 11.90 -12.15 9.95
C SER A 268 13.08 -11.51 10.63
N LYS A 269 12.84 -11.00 11.84
CA LYS A 269 13.85 -10.13 12.45
C LYS A 269 15.20 -10.82 12.58
N GLY A 270 16.24 -10.19 12.06
CA GLY A 270 17.55 -10.75 12.03
C GLY A 270 17.80 -11.90 11.07
N LYS A 271 16.80 -12.38 10.37
CA LYS A 271 17.11 -13.38 9.35
C LYS A 271 16.33 -13.42 7.98
N ILE A 272 17.04 -13.94 6.97
CA ILE A 272 16.52 -14.15 5.66
C ILE A 272 16.96 -15.55 5.15
N SER A 273 16.04 -16.24 4.52
CA SER A 273 16.27 -17.50 3.90
C SER A 273 15.60 -17.44 2.50
N VAL A 274 16.34 -17.87 1.50
CA VAL A 274 15.77 -18.10 0.21
C VAL A 274 15.92 -19.57 -0.13
N LYS A 275 14.82 -20.25 -0.39
CA LYS A 275 14.89 -21.63 -0.83
C LYS A 275 13.66 -22.15 -1.50
N PRO A 276 13.91 -23.25 -2.35
CA PRO A 276 12.70 -23.78 -2.98
C PRO A 276 11.80 -24.44 -1.97
N ARG A 277 10.50 -24.34 -2.11
CA ARG A 277 9.58 -24.97 -1.20
C ARG A 277 8.43 -25.54 -1.96
N LYS A 278 8.01 -26.74 -1.61
CA LYS A 278 6.75 -27.27 -2.10
C LYS A 278 5.62 -26.61 -1.36
N LEU A 279 4.50 -26.36 -2.02
CA LEU A 279 3.46 -25.56 -1.45
C LEU A 279 2.17 -26.22 -1.77
N SER A 280 1.18 -26.05 -0.93
CA SER A 280 -0.07 -26.62 -1.20
C SER A 280 -0.74 -25.77 -2.25
N SER A 281 -1.65 -26.39 -2.91
CA SER A 281 -2.24 -25.79 -4.04
C SER A 281 -3.11 -24.62 -3.65
N ASP A 282 -3.48 -24.49 -2.39
CA ASP A 282 -4.26 -23.31 -2.04
C ASP A 282 -3.39 -22.25 -1.32
N ASN A 283 -2.08 -22.42 -1.27
CA ASN A 283 -1.21 -21.41 -0.70
C ASN A 283 -1.14 -20.17 -1.64
N PRO A 284 -1.36 -18.98 -1.13
CA PRO A 284 -1.28 -17.82 -2.02
C PRO A 284 0.07 -17.58 -2.63
N LEU A 285 1.13 -18.18 -2.10
CA LEU A 285 2.41 -18.05 -2.69
C LEU A 285 2.66 -18.87 -3.99
N LEU A 286 1.71 -19.71 -4.37
CA LEU A 286 1.87 -20.63 -5.48
C LEU A 286 1.32 -19.84 -6.70
N VAL A 287 2.13 -18.91 -7.14
CA VAL A 287 1.76 -18.04 -8.21
C VAL A 287 2.15 -18.68 -9.54
N GLU A 288 1.52 -18.18 -10.60
CA GLU A 288 1.91 -18.52 -11.97
C GLU A 288 2.31 -17.34 -12.85
N GLY A 289 2.97 -17.65 -13.96
CA GLY A 289 3.34 -16.65 -14.90
C GLY A 289 4.25 -15.58 -14.31
N VAL A 290 3.87 -14.33 -14.53
CA VAL A 290 4.70 -13.22 -14.07
C VAL A 290 4.34 -12.83 -12.65
N GLN A 291 3.33 -13.46 -12.09
CA GLN A 291 2.85 -13.10 -10.76
C GLN A 291 3.88 -13.27 -9.66
N ASN A 292 3.88 -12.28 -8.77
CA ASN A 292 4.52 -12.39 -7.44
C ASN A 292 3.53 -12.36 -6.27
N ALA A 293 3.95 -12.80 -5.08
CA ALA A 293 3.07 -12.74 -3.95
C ALA A 293 3.81 -12.58 -2.65
N ALA A 294 3.27 -11.74 -1.77
CA ALA A 294 3.94 -11.59 -0.46
C ALA A 294 2.89 -11.83 0.66
N VAL A 295 3.27 -12.56 1.70
CA VAL A 295 2.36 -12.79 2.87
C VAL A 295 3.07 -12.12 4.04
N ILE A 296 2.44 -11.07 4.58
CA ILE A 296 3.13 -10.24 5.62
C ILE A 296 2.34 -10.56 6.90
N ARG A 297 3.02 -11.09 7.90
CA ARG A 297 2.34 -11.45 9.17
C ARG A 297 2.68 -10.40 10.21
N THR A 298 1.67 -9.74 10.69
CA THR A 298 1.93 -8.74 11.74
C THR A 298 1.16 -9.04 13.05
N ASN A 299 1.54 -8.33 14.12
CA ASN A 299 0.93 -8.55 15.47
C ASN A 299 -0.55 -8.19 15.51
N ASN A 300 -0.97 -7.09 14.93
CA ASN A 300 -2.36 -6.79 14.98
C ASN A 300 -3.18 -7.34 13.86
N LEU A 301 -2.54 -7.67 12.72
CA LEU A 301 -3.33 -7.96 11.54
C LEU A 301 -3.34 -9.42 11.22
N GLY A 302 -2.43 -10.20 11.81
CA GLY A 302 -2.15 -11.54 11.27
C GLY A 302 -1.55 -11.45 9.82
N GLU A 303 -2.05 -12.26 8.94
CA GLU A 303 -1.62 -12.28 7.53
C GLU A 303 -2.30 -11.27 6.64
N VAL A 304 -1.47 -10.48 5.99
CA VAL A 304 -1.85 -9.52 4.92
C VAL A 304 -1.20 -10.02 3.64
N ILE A 305 -2.03 -10.27 2.64
CA ILE A 305 -1.56 -10.86 1.41
C ILE A 305 -1.59 -9.80 0.27
N LEU A 306 -0.50 -9.65 -0.41
CA LEU A 306 -0.47 -8.73 -1.56
C LEU A 306 0.06 -9.51 -2.77
N LYS A 307 -0.63 -9.41 -3.88
CA LYS A 307 -0.18 -10.12 -5.05
C LYS A 307 -0.28 -9.24 -6.31
N GLY A 308 0.68 -9.42 -7.24
CA GLY A 308 0.60 -8.78 -8.52
C GLY A 308 1.79 -9.07 -9.41
N PRO A 309 1.87 -8.44 -10.58
CA PRO A 309 2.96 -8.71 -11.48
C PRO A 309 4.25 -8.26 -10.96
N GLY A 310 5.28 -9.01 -11.25
CA GLY A 310 6.60 -8.82 -10.69
C GLY A 310 7.70 -8.37 -11.65
N GLY A 311 7.29 -8.05 -12.88
CA GLY A 311 8.24 -7.80 -13.98
C GLY A 311 7.50 -7.27 -15.22
N GLY A 312 8.25 -6.84 -16.22
CA GLY A 312 7.65 -6.24 -17.42
C GLY A 312 8.05 -4.75 -17.40
N GLY A 313 8.20 -4.14 -18.56
CA GLY A 313 8.55 -2.75 -18.59
C GLY A 313 7.57 -1.76 -18.04
N ARG A 314 6.33 -1.88 -18.45
CA ARG A 314 5.29 -1.02 -17.98
C ARG A 314 5.06 -1.23 -16.51
N VAL A 315 5.09 -2.50 -16.14
CA VAL A 315 4.84 -2.91 -14.79
C VAL A 315 5.90 -2.34 -13.87
N THR A 316 7.16 -2.43 -14.26
CA THR A 316 8.22 -1.86 -13.46
C THR A 316 8.27 -0.33 -13.53
N ALA A 317 7.99 0.25 -14.70
CA ALA A 317 7.96 1.70 -14.80
C ALA A 317 6.83 2.30 -13.94
N SER A 318 5.73 1.56 -13.78
CA SER A 318 4.63 2.03 -12.95
C SER A 318 5.05 2.35 -11.54
N GLY A 319 5.84 1.45 -10.97
CA GLY A 319 6.32 1.62 -9.62
C GLY A 319 7.32 2.77 -9.54
N VAL A 320 8.22 2.83 -10.53
CA VAL A 320 9.15 3.97 -10.63
C VAL A 320 8.44 5.31 -10.71
N PHE A 321 7.40 5.41 -11.49
CA PHE A 321 6.67 6.65 -11.61
C PHE A 321 6.01 7.09 -10.27
N THR A 322 5.39 6.15 -9.58
CA THR A 322 4.86 6.45 -8.26
C THR A 322 5.98 7.06 -7.43
N ASP A 323 7.14 6.39 -7.40
CA ASP A 323 8.24 6.91 -6.62
C ASP A 323 8.67 8.34 -7.04
N ILE A 324 8.62 8.59 -8.34
CA ILE A 324 8.92 9.96 -8.81
C ILE A 324 7.97 10.96 -8.19
N ILE A 325 6.68 10.61 -8.14
CA ILE A 325 5.72 11.52 -7.61
C ILE A 325 5.92 11.74 -6.09
N LYS A 326 6.27 10.70 -5.38
CA LYS A 326 6.53 10.81 -3.96
C LYS A 326 7.82 11.60 -3.72
N ALA A 327 8.81 11.41 -4.58
CA ALA A 327 10.04 12.19 -4.43
C ALA A 327 9.80 13.70 -4.66
N THR A 328 8.99 13.99 -5.64
CA THR A 328 8.68 15.34 -5.97
C THR A 328 7.98 15.98 -4.79
N LEU A 329 6.99 15.32 -4.21
CA LEU A 329 6.21 15.89 -3.10
C LEU A 329 6.88 15.67 -1.77
N LYS A 330 8.10 15.17 -1.73
CA LYS A 330 8.78 15.00 -0.43
C LYS A 330 8.06 14.09 0.61
N PHE A 331 7.58 12.96 0.12
CA PHE A 331 7.05 11.97 1.02
C PHE A 331 8.14 11.67 2.00
N PRO A 332 7.79 11.40 3.23
CA PRO A 332 8.77 11.03 4.25
C PRO A 332 9.31 9.62 4.10
N ASN A 333 10.41 9.31 4.74
CA ASN A 333 11.00 8.00 4.66
C ASN A 333 11.01 7.47 6.08
N LEU A 334 9.86 7.03 6.57
CA LEU A 334 9.72 6.55 7.92
C LEU A 334 10.49 5.28 8.19
N ARG A 335 10.47 4.38 7.22
CA ARG A 335 11.25 3.18 7.25
C ARG A 335 12.11 3.13 6.02
N MET B 17 8.48 15.57 17.57
CA MET B 17 7.42 16.40 16.91
C MET B 17 6.03 16.11 17.56
N LYS B 18 5.66 16.94 18.55
CA LYS B 18 4.56 16.70 19.52
C LYS B 18 3.21 17.01 18.86
N VAL B 19 2.19 16.17 19.06
CA VAL B 19 0.91 16.39 18.43
C VAL B 19 -0.16 16.10 19.47
N ASN B 20 -1.20 16.93 19.55
CA ASN B 20 -2.25 16.66 20.46
C ASN B 20 -3.38 16.12 19.70
N ILE B 21 -3.99 15.07 20.25
CA ILE B 21 -5.06 14.42 19.60
C ILE B 21 -6.30 14.35 20.46
N SER B 22 -7.47 14.56 19.84
CA SER B 22 -8.74 14.22 20.43
C SER B 22 -9.36 12.97 19.80
N ILE B 23 -9.72 12.01 20.65
CA ILE B 23 -10.39 10.81 20.25
C ILE B 23 -11.86 10.99 20.54
N PHE B 24 -12.66 10.90 19.50
CA PHE B 24 -14.09 10.98 19.62
C PHE B 24 -14.64 9.58 19.40
N GLY B 25 -15.24 9.04 20.42
CA GLY B 25 -15.67 7.67 20.47
C GLY B 25 -14.65 6.91 21.28
N PHE B 26 -15.12 5.97 22.07
CA PHE B 26 -14.23 5.14 22.83
C PHE B 26 -14.81 3.75 22.98
N GLY B 27 -15.14 3.13 21.86
CA GLY B 27 -15.69 1.79 21.76
C GLY B 27 -14.62 0.73 21.60
N THR B 28 -14.99 -0.41 21.04
CA THR B 28 -14.00 -1.49 20.75
C THR B 28 -12.78 -0.89 20.07
N VAL B 29 -13.01 -0.02 19.09
CA VAL B 29 -11.87 0.56 18.29
C VAL B 29 -11.04 1.63 19.02
N GLY B 30 -11.73 2.55 19.66
CA GLY B 30 -11.06 3.57 20.41
C GLY B 30 -10.21 3.02 21.52
N ARG B 31 -10.75 2.05 22.26
CA ARG B 31 -9.98 1.41 23.33
C ARG B 31 -8.78 0.65 22.82
N ALA B 32 -8.96 -0.08 21.73
CA ALA B 32 -7.87 -0.76 21.08
C ALA B 32 -6.90 0.25 20.54
N LEU B 33 -7.39 1.35 20.03
CA LEU B 33 -6.46 2.46 19.67
C LEU B 33 -5.60 2.96 20.82
N ALA B 34 -6.22 2.99 22.01
CA ALA B 34 -5.47 3.54 23.18
C ALA B 34 -4.32 2.66 23.46
N GLU B 35 -4.54 1.35 23.38
CA GLU B 35 -3.43 0.38 23.61
C GLU B 35 -2.32 0.66 22.61
N ILE B 36 -2.68 0.81 21.31
CA ILE B 36 -1.59 0.95 20.30
C ILE B 36 -0.88 2.26 20.55
N ILE B 37 -1.65 3.31 20.81
CA ILE B 37 -0.93 4.59 21.11
C ILE B 37 0.02 4.51 22.31
N ALA B 38 -0.41 3.83 23.38
CA ALA B 38 0.41 3.74 24.57
C ALA B 38 1.69 3.07 24.24
N GLU B 39 1.61 2.00 23.42
CA GLU B 39 2.85 1.27 23.10
C GLU B 39 3.68 2.01 22.09
N LYS B 40 3.11 2.87 21.28
CA LYS B 40 3.89 3.46 20.22
C LYS B 40 3.80 5.00 20.12
N SER B 41 3.66 5.66 21.25
CA SER B 41 3.52 7.13 21.30
C SER B 41 4.73 7.86 20.77
N ARG B 42 5.91 7.23 20.83
CA ARG B 42 7.11 7.84 20.27
C ARG B 42 7.59 6.92 19.16
N ILE B 43 7.33 7.25 17.92
CA ILE B 43 7.68 6.34 16.83
C ILE B 43 7.97 7.24 15.66
N PHE B 44 9.05 6.98 14.95
CA PHE B 44 9.44 7.88 13.90
C PHE B 44 9.70 9.26 14.46
N GLY B 45 10.30 9.34 15.66
CA GLY B 45 10.53 10.63 16.35
C GLY B 45 9.37 11.63 16.48
N VAL B 46 8.17 11.10 16.62
CA VAL B 46 6.98 11.88 16.77
C VAL B 46 6.63 11.68 18.22
N GLU B 47 5.74 12.47 18.77
CA GLU B 47 5.25 12.22 20.12
C GLU B 47 3.75 12.47 20.13
N LEU B 48 3.00 11.44 20.41
CA LEU B 48 1.57 11.53 20.29
C LEU B 48 1.01 11.69 21.69
N ASN B 49 0.10 12.63 21.87
CA ASN B 49 -0.43 12.88 23.13
C ASN B 49 -1.92 13.08 22.98
N VAL B 50 -2.65 12.18 23.59
CA VAL B 50 -4.10 12.21 23.63
C VAL B 50 -4.57 13.23 24.70
N ILE B 51 -5.12 14.36 24.27
CA ILE B 51 -5.49 15.39 25.21
C ILE B 51 -6.90 15.23 25.59
N SER B 52 -7.72 14.61 24.76
CA SER B 52 -9.07 14.34 25.15
C SER B 52 -9.64 13.05 24.62
N ILE B 53 -10.61 12.48 25.35
CA ILE B 53 -11.44 11.37 24.88
C ILE B 53 -12.88 11.68 25.20
N THR B 54 -13.76 11.33 24.29
CA THR B 54 -15.15 11.67 24.30
C THR B 54 -16.02 10.43 23.99
N ASP B 55 -17.02 10.19 24.84
CA ASP B 55 -18.05 9.21 24.58
C ASP B 55 -19.35 9.89 24.87
N ARG B 56 -20.43 9.12 24.96
CA ARG B 56 -21.75 9.71 25.22
C ARG B 56 -21.91 10.30 26.64
N SER B 57 -21.09 9.85 27.59
CA SER B 57 -21.10 10.36 28.92
C SER B 57 -20.33 11.66 29.05
N GLY B 58 -19.89 12.25 27.92
CA GLY B 58 -19.07 13.48 27.91
C GLY B 58 -17.60 13.26 27.50
N THR B 59 -16.76 14.25 27.81
CA THR B 59 -15.42 14.36 27.30
C THR B 59 -14.49 14.56 28.48
N ILE B 60 -13.38 13.83 28.54
CA ILE B 60 -12.36 14.04 29.52
C ILE B 60 -11.23 14.77 28.83
N TRP B 61 -10.49 15.56 29.60
CA TRP B 61 -9.67 16.58 29.00
C TRP B 61 -8.57 16.98 29.95
N GLY B 62 -7.33 16.75 29.54
CA GLY B 62 -6.16 17.14 30.28
C GLY B 62 -5.10 16.05 30.34
N ASP B 63 -4.52 15.91 31.51
CA ASP B 63 -3.29 15.17 31.68
C ASP B 63 -3.55 13.73 32.18
N PHE B 64 -4.75 13.20 31.96
CA PHE B 64 -5.07 11.82 32.40
C PHE B 64 -4.18 10.75 31.73
N ASP B 65 -4.17 9.55 32.30
CA ASP B 65 -3.43 8.39 31.76
C ASP B 65 -4.36 7.63 30.80
N LEU B 66 -3.83 7.40 29.61
CA LEU B 66 -4.59 6.84 28.47
C LEU B 66 -5.15 5.47 28.81
N LEU B 67 -4.26 4.61 29.28
CA LEU B 67 -4.59 3.23 29.77
C LEU B 67 -5.59 3.20 30.95
N GLU B 68 -5.47 4.16 31.90
CA GLU B 68 -6.48 4.27 32.97
C GLU B 68 -7.82 4.62 32.39
N ALA B 69 -7.85 5.52 31.40
CA ALA B 69 -9.14 5.89 30.83
C ALA B 69 -9.72 4.68 30.15
N LYS B 70 -8.83 3.84 29.65
CA LYS B 70 -9.30 2.63 28.94
C LYS B 70 -9.85 1.64 29.95
N GLU B 71 -9.08 1.44 31.01
CA GLU B 71 -9.53 0.62 32.18
C GLU B 71 -10.91 1.09 32.68
N VAL B 72 -11.02 2.37 32.97
CA VAL B 72 -12.27 2.90 33.47
C VAL B 72 -13.42 2.65 32.55
N LYS B 73 -13.18 2.83 31.26
CA LYS B 73 -14.29 2.68 30.31
C LYS B 73 -14.77 1.25 30.19
N GLU B 74 -13.79 0.36 30.22
CA GLU B 74 -14.04 -1.08 30.11
C GLU B 74 -14.84 -1.52 31.34
N SER B 75 -14.33 -1.17 32.50
CA SER B 75 -14.87 -1.71 33.72
C SER B 75 -16.18 -1.06 34.15
N THR B 76 -16.44 0.19 33.78
CA THR B 76 -17.68 0.87 34.20
C THR B 76 -18.63 1.30 33.10
N GLY B 77 -18.20 1.27 31.83
CA GLY B 77 -19.11 1.65 30.70
C GLY B 77 -19.11 3.13 30.33
N LYS B 78 -18.35 3.94 31.08
CA LYS B 78 -18.49 5.42 31.06
C LYS B 78 -17.15 6.05 31.33
N LEU B 79 -16.88 7.17 30.69
CA LEU B 79 -15.63 7.89 30.96
C LEU B 79 -15.87 8.80 32.15
N SER B 80 -17.13 9.08 32.43
CA SER B 80 -17.50 9.96 33.53
C SER B 80 -17.07 9.41 34.89
N ASN B 81 -16.92 8.11 35.02
CA ASN B 81 -16.57 7.48 36.29
C ASN B 81 -15.09 7.58 36.58
N ILE B 82 -14.43 8.33 35.73
CA ILE B 82 -13.01 8.49 35.78
C ILE B 82 -12.62 9.12 37.12
N GLY B 83 -11.54 8.57 37.67
CA GLY B 83 -10.94 9.00 38.92
C GLY B 83 -9.80 9.98 38.66
N ASP B 84 -9.71 10.96 39.58
CA ASP B 84 -8.77 12.11 39.51
C ASP B 84 -9.09 13.11 38.40
N TYR B 85 -10.16 12.86 37.64
CA TYR B 85 -10.45 13.66 36.44
C TYR B 85 -11.88 14.11 36.23
N GLU B 86 -11.96 15.27 35.58
CA GLU B 86 -13.19 15.99 35.41
C GLU B 86 -13.60 15.94 33.93
N VAL B 87 -14.92 15.95 33.83
CA VAL B 87 -15.72 15.67 32.71
C VAL B 87 -16.38 16.95 32.27
N TYR B 88 -16.36 17.18 30.98
CA TYR B 88 -16.88 18.36 30.37
C TYR B 88 -17.90 17.80 29.50
N ASN B 89 -18.82 18.62 29.05
CA ASN B 89 -19.92 18.12 28.30
C ASN B 89 -20.06 18.85 26.99
N PHE B 90 -19.01 18.74 26.18
CA PHE B 90 -18.96 19.41 24.92
C PHE B 90 -19.85 18.77 23.90
N SER B 91 -20.61 19.57 23.19
CA SER B 91 -21.12 19.15 21.92
C SER B 91 -19.83 18.92 21.02
N PRO B 92 -20.05 18.29 19.86
CA PRO B 92 -18.98 18.06 18.87
C PRO B 92 -18.29 19.31 18.44
N GLN B 93 -19.08 20.31 18.06
CA GLN B 93 -18.51 21.61 17.75
C GLN B 93 -17.66 22.23 18.89
N GLU B 94 -18.04 21.99 20.14
CA GLU B 94 -17.34 22.67 21.25
C GLU B 94 -16.09 21.91 21.60
N LEU B 95 -16.16 20.59 21.39
CA LEU B 95 -14.94 19.78 21.59
C LEU B 95 -13.82 20.37 20.72
N VAL B 96 -14.14 20.59 19.49
CA VAL B 96 -13.12 21.04 18.55
C VAL B 96 -12.63 22.44 18.99
N GLU B 97 -13.61 23.32 19.24
CA GLU B 97 -13.34 24.77 19.53
C GLU B 97 -12.66 24.95 20.86
N GLU B 98 -13.03 24.17 21.88
CA GLU B 98 -12.41 24.40 23.16
C GLU B 98 -11.09 23.67 23.28
N VAL B 99 -11.04 22.39 22.87
CA VAL B 99 -9.79 21.61 23.13
C VAL B 99 -8.74 21.90 22.09
N LYS B 100 -9.16 22.21 20.86
CA LYS B 100 -8.17 22.59 19.81
C LYS B 100 -7.02 21.58 19.58
N PRO B 101 -7.38 20.30 19.40
CA PRO B 101 -6.29 19.32 19.08
C PRO B 101 -5.60 19.63 17.74
N ASN B 102 -4.39 19.11 17.50
CA ASN B 102 -3.83 19.08 16.13
C ASN B 102 -4.60 18.13 15.19
N ILE B 103 -5.13 17.06 15.77
CA ILE B 103 -5.79 16.01 14.98
C ILE B 103 -7.00 15.53 15.78
N LEU B 104 -8.13 15.45 15.10
CA LEU B 104 -9.36 14.93 15.58
C LEU B 104 -9.49 13.52 14.94
N VAL B 105 -9.56 12.50 15.79
CA VAL B 105 -9.82 11.15 15.43
C VAL B 105 -11.22 10.71 15.80
N ASP B 106 -12.00 10.37 14.80
CA ASP B 106 -13.32 9.83 14.95
C ASP B 106 -13.39 8.29 14.77
N VAL B 107 -13.69 7.59 15.85
CA VAL B 107 -13.93 6.18 15.91
C VAL B 107 -15.25 5.91 16.60
N SER B 108 -16.24 6.73 16.26
CA SER B 108 -17.62 6.60 16.76
C SER B 108 -18.54 6.03 15.74
N SER B 109 -19.75 5.72 16.21
CA SER B 109 -20.88 5.25 15.37
C SER B 109 -21.93 6.32 15.04
N TRP B 110 -21.50 7.58 15.14
CA TRP B 110 -22.34 8.73 14.79
C TRP B 110 -22.35 9.05 13.28
N ASP B 111 -23.44 8.73 12.59
CA ASP B 111 -23.48 8.84 11.16
C ASP B 111 -23.25 10.24 10.62
N GLU B 112 -23.61 11.27 11.39
CA GLU B 112 -23.67 12.63 10.85
C GLU B 112 -22.42 13.42 11.23
N ALA B 113 -21.33 12.70 11.52
CA ALA B 113 -20.11 13.31 12.01
C ALA B 113 -19.46 14.29 11.06
N HIS B 114 -19.91 14.33 9.81
CA HIS B 114 -19.36 15.27 8.89
C HIS B 114 -19.36 16.73 9.34
N GLU B 115 -20.36 17.10 10.15
CA GLU B 115 -20.57 18.49 10.60
C GLU B 115 -19.48 18.86 11.55
N MET B 116 -19.21 17.91 12.44
CA MET B 116 -18.06 18.00 13.28
C MET B 116 -16.73 18.15 12.46
N TYR B 117 -16.53 17.28 11.46
CA TYR B 117 -15.29 17.33 10.62
C TYR B 117 -15.12 18.71 9.93
N LYS B 118 -16.24 19.27 9.48
CA LYS B 118 -16.25 20.61 8.83
C LYS B 118 -15.66 21.67 9.77
N VAL B 119 -16.01 21.59 11.05
CA VAL B 119 -15.54 22.55 12.01
C VAL B 119 -14.07 22.33 12.22
N ALA B 120 -13.64 21.10 12.44
CA ALA B 120 -12.20 20.92 12.62
C ALA B 120 -11.34 21.40 11.45
N LEU B 121 -11.81 21.02 10.26
CA LEU B 121 -11.04 21.27 9.01
C LEU B 121 -11.02 22.78 8.75
N GLY B 122 -12.17 23.44 9.01
CA GLY B 122 -12.31 24.92 9.02
C GLY B 122 -11.24 25.60 9.89
N GLU B 123 -10.78 24.92 10.93
CA GLU B 123 -9.78 25.43 11.83
C GLU B 123 -8.42 24.90 11.53
N GLY B 124 -8.25 24.14 10.45
CA GLY B 124 -6.90 23.63 10.12
C GLY B 124 -6.52 22.35 10.86
N ILE B 125 -7.52 21.70 11.45
CA ILE B 125 -7.24 20.50 12.24
C ILE B 125 -7.51 19.30 11.32
N SER B 126 -6.54 18.44 11.19
CA SER B 126 -6.71 17.25 10.33
C SER B 126 -7.63 16.25 11.02
N VAL B 127 -8.39 15.56 10.21
CA VAL B 127 -9.27 14.49 10.64
C VAL B 127 -8.85 13.09 10.18
N VAL B 128 -8.84 12.15 11.12
CA VAL B 128 -8.61 10.80 10.90
C VAL B 128 -9.87 10.06 11.37
N THR B 129 -10.37 9.11 10.62
CA THR B 129 -11.63 8.48 10.93
C THR B 129 -11.76 6.99 10.46
N SER B 130 -12.63 6.25 11.16
CA SER B 130 -13.00 4.86 10.83
C SER B 130 -14.43 4.81 10.55
N ASN B 131 -15.01 6.00 10.40
CA ASN B 131 -16.47 6.14 10.36
C ASN B 131 -16.89 6.47 8.93
N LYS B 132 -17.71 5.63 8.34
CA LYS B 132 -17.86 5.53 6.89
C LYS B 132 -18.76 6.60 6.27
N PRO B 133 -19.96 6.85 6.83
CA PRO B 133 -20.91 7.72 6.11
C PRO B 133 -20.38 9.09 5.79
N PRO B 134 -19.68 9.75 6.71
CA PRO B 134 -19.20 11.08 6.33
C PRO B 134 -18.32 11.07 5.06
N ILE B 135 -17.49 10.05 4.92
CA ILE B 135 -16.58 9.98 3.82
C ILE B 135 -17.31 9.53 2.61
N ALA B 136 -18.16 8.53 2.78
CA ALA B 136 -18.96 8.03 1.62
C ALA B 136 -19.86 9.06 0.99
N ASN B 137 -20.47 9.91 1.84
CA ASN B 137 -21.40 10.92 1.33
C ASN B 137 -20.77 12.30 1.07
N TYR B 138 -19.75 12.69 1.82
CA TYR B 138 -19.23 14.08 1.78
C TYR B 138 -17.78 14.24 1.36
N TYR B 139 -17.21 13.21 0.72
CA TYR B 139 -15.76 13.25 0.47
C TYR B 139 -15.34 14.54 -0.23
N ASP B 140 -16.03 14.90 -1.30
CA ASP B 140 -15.60 16.03 -2.15
C ASP B 140 -15.53 17.32 -1.32
N GLU B 141 -16.56 17.52 -0.51
CA GLU B 141 -16.71 18.72 0.32
C GLU B 141 -15.66 18.74 1.39
N LEU B 142 -15.42 17.58 2.00
CA LEU B 142 -14.45 17.49 3.04
C LEU B 142 -13.06 17.74 2.51
N MET B 143 -12.76 17.14 1.38
CA MET B 143 -11.44 17.34 0.72
C MET B 143 -11.17 18.78 0.33
N ASN B 144 -12.21 19.43 -0.23
CA ASN B 144 -12.12 20.89 -0.58
C ASN B 144 -11.81 21.71 0.68
N LEU B 145 -12.54 21.42 1.76
CA LEU B 145 -12.35 22.15 3.00
C LEU B 145 -10.97 21.92 3.55
N ALA B 146 -10.49 20.67 3.47
CA ALA B 146 -9.16 20.38 4.00
C ALA B 146 -7.99 21.08 3.25
N LYS B 147 -8.13 21.07 1.94
CA LYS B 147 -7.18 21.71 1.03
C LYS B 147 -7.16 23.25 1.28
N GLU B 148 -8.33 23.86 1.36
CA GLU B 148 -8.43 25.27 1.67
C GLU B 148 -7.75 25.57 2.98
N ASN B 149 -7.73 24.65 3.95
CA ASN B 149 -7.17 25.03 5.27
C ASN B 149 -5.92 24.39 5.65
N ASN B 150 -5.23 23.87 4.64
CA ASN B 150 -3.97 23.29 4.92
C ASN B 150 -4.01 22.11 5.91
N ALA B 151 -5.02 21.29 5.78
CA ALA B 151 -5.15 20.14 6.66
C ALA B 151 -5.34 18.88 5.80
N GLY B 152 -5.41 17.72 6.44
CA GLY B 152 -5.65 16.46 5.73
C GLY B 152 -6.83 15.73 6.31
N ILE B 153 -7.38 14.85 5.51
CA ILE B 153 -8.36 13.91 6.00
C ILE B 153 -7.90 12.49 5.60
N PHE B 154 -8.01 11.57 6.55
CA PHE B 154 -7.58 10.21 6.40
C PHE B 154 -8.64 9.23 6.90
N PHE B 155 -8.90 8.19 6.13
CA PHE B 155 -9.98 7.29 6.37
C PHE B 155 -9.69 5.80 6.09
N GLU B 156 -8.49 5.34 6.39
CA GLU B 156 -8.09 4.00 6.03
C GLU B 156 -9.00 2.92 6.59
N SER B 157 -9.39 3.01 7.84
CA SER B 157 -10.20 1.96 8.45
C SER B 157 -11.68 2.02 8.09
N THR B 158 -12.10 2.94 7.22
CA THR B 158 -13.45 2.85 6.74
C THR B 158 -13.69 1.73 5.73
N VAL B 159 -12.63 1.14 5.17
CA VAL B 159 -12.78 0.10 4.12
C VAL B 159 -11.73 -0.95 4.36
N MET B 160 -12.17 -2.16 4.65
CA MET B 160 -11.29 -3.27 4.92
C MET B 160 -10.44 -3.04 6.16
N ALA B 161 -10.94 -2.21 7.05
CA ALA B 161 -10.31 -1.98 8.34
C ALA B 161 -8.83 -1.62 8.23
N GLY B 162 -8.00 -2.35 8.93
CA GLY B 162 -6.58 -2.09 8.93
C GLY B 162 -5.85 -2.65 7.75
N THR B 163 -6.53 -3.36 6.87
CA THR B 163 -5.86 -3.89 5.70
C THR B 163 -5.78 -2.67 4.78
N PRO B 164 -4.59 -2.34 4.28
CA PRO B 164 -4.34 -1.00 3.73
C PRO B 164 -4.75 -0.72 2.30
N ILE B 165 -5.99 -1.02 1.99
CA ILE B 165 -6.47 -0.79 0.65
C ILE B 165 -6.51 0.71 0.32
N ILE B 166 -6.80 1.57 1.34
CA ILE B 166 -6.88 3.00 1.07
C ILE B 166 -5.51 3.54 0.77
N GLY B 167 -4.52 3.16 1.56
CA GLY B 167 -3.19 3.57 1.29
C GLY B 167 -2.73 3.17 -0.11
N VAL B 168 -2.99 1.92 -0.46
CA VAL B 168 -2.65 1.42 -1.75
C VAL B 168 -3.30 2.28 -2.86
N LEU B 169 -4.56 2.60 -2.76
CA LEU B 169 -5.20 3.31 -3.84
C LEU B 169 -4.90 4.80 -3.88
N ARG B 170 -4.64 5.38 -2.71
CA ARG B 170 -4.61 6.82 -2.58
C ARG B 170 -3.23 7.37 -2.68
N GLU B 171 -2.23 6.58 -2.30
CA GLU B 171 -0.83 7.02 -2.25
C GLU B 171 0.06 6.17 -3.15
N ASN B 172 -0.53 5.19 -3.83
CA ASN B 172 0.27 4.34 -4.68
C ASN B 172 -0.46 4.18 -6.01
N LEU B 173 0.09 3.39 -6.93
CA LEU B 173 -0.57 3.30 -8.24
C LEU B 173 -0.81 4.71 -8.85
N LEU B 174 0.19 5.55 -8.70
CA LEU B 174 0.01 6.95 -8.97
C LEU B 174 0.05 7.28 -10.43
N GLY B 175 0.66 6.42 -11.21
CA GLY B 175 0.61 6.55 -12.66
C GLY B 175 -0.44 5.67 -13.29
N GLU B 176 -1.32 5.05 -12.49
CA GLU B 176 -2.33 4.12 -13.06
C GLU B 176 -3.65 4.76 -13.30
N ASN B 177 -4.39 4.20 -14.24
CA ASN B 177 -5.83 4.38 -14.31
C ASN B 177 -6.46 3.17 -13.77
N ILE B 178 -7.42 3.36 -12.89
CA ILE B 178 -8.05 2.23 -12.29
C ILE B 178 -9.24 1.80 -13.14
N LYS B 179 -9.15 0.62 -13.77
CA LYS B 179 -10.23 0.15 -14.63
C LYS B 179 -11.39 -0.29 -13.79
N ARG B 180 -11.11 -1.12 -12.80
CA ARG B 180 -12.13 -1.54 -11.89
C ARG B 180 -11.55 -2.02 -10.60
N ILE B 181 -12.44 -2.14 -9.61
CA ILE B 181 -12.13 -2.80 -8.33
C ILE B 181 -13.26 -3.75 -7.99
N ASP B 182 -12.93 -4.97 -7.60
CA ASP B 182 -13.91 -5.86 -7.11
C ASP B 182 -13.50 -6.28 -5.72
N ALA B 183 -14.41 -6.20 -4.77
CA ALA B 183 -14.01 -6.45 -3.35
C ALA B 183 -15.07 -7.10 -2.53
N VAL B 184 -14.62 -7.87 -1.56
CA VAL B 184 -15.57 -8.48 -0.63
C VAL B 184 -15.24 -7.89 0.70
N VAL B 185 -16.15 -7.04 1.19
CA VAL B 185 -15.80 -6.18 2.29
C VAL B 185 -16.71 -6.29 3.52
N ASN B 186 -17.56 -7.29 3.56
CA ASN B 186 -18.52 -7.38 4.64
C ASN B 186 -18.54 -8.81 5.11
N ALA B 187 -17.74 -9.09 6.15
CA ALA B 187 -17.65 -10.44 6.77
C ALA B 187 -18.96 -11.03 7.36
N SER B 188 -19.85 -10.16 7.81
CA SER B 188 -21.17 -10.56 8.32
C SER B 188 -21.95 -11.33 7.29
N THR B 189 -22.07 -10.77 6.08
CA THR B 189 -22.67 -11.49 4.98
C THR B 189 -21.92 -12.77 4.65
N THR B 190 -20.61 -12.74 4.77
CA THR B 190 -19.91 -13.93 4.40
C THR B 190 -20.30 -15.07 5.35
N PHE B 191 -20.54 -14.73 6.62
CA PHE B 191 -20.84 -15.70 7.63
C PHE B 191 -22.21 -16.29 7.33
N ILE B 192 -23.17 -15.43 7.13
CA ILE B 192 -24.48 -15.89 6.73
C ILE B 192 -24.41 -16.83 5.55
N LEU B 193 -23.75 -16.39 4.48
CA LEU B 193 -23.74 -17.16 3.26
C LEU B 193 -23.05 -18.48 3.51
N THR B 194 -22.01 -18.47 4.31
CA THR B 194 -21.28 -19.69 4.56
C THR B 194 -22.21 -20.71 5.26
N LYS B 195 -23.03 -20.21 6.21
CA LYS B 195 -24.00 -21.03 6.95
C LYS B 195 -25.11 -21.57 6.06
N MET B 196 -25.67 -20.72 5.21
CA MET B 196 -26.70 -21.14 4.28
C MET B 196 -26.18 -22.29 3.44
N SER B 197 -24.93 -22.17 3.04
CA SER B 197 -24.39 -23.13 2.14
C SER B 197 -24.13 -24.42 2.91
N GLU B 198 -24.07 -24.34 4.24
CA GLU B 198 -23.74 -25.49 5.07
C GLU B 198 -25.01 -26.30 5.44
N GLY B 199 -26.18 -25.75 5.15
CA GLY B 199 -27.44 -26.39 5.40
C GLY B 199 -28.45 -25.36 5.87
N LYS B 200 -28.09 -24.51 6.84
CA LYS B 200 -29.04 -23.57 7.46
C LYS B 200 -29.76 -22.64 6.51
N THR B 201 -30.80 -22.05 7.02
CA THR B 201 -31.65 -21.18 6.24
C THR B 201 -31.25 -19.73 6.53
N LEU B 202 -31.64 -18.85 5.62
CA LEU B 202 -31.48 -17.44 5.85
C LEU B 202 -31.79 -17.04 7.30
N ASP B 203 -33.04 -17.26 7.72
CA ASP B 203 -33.50 -16.73 9.00
C ASP B 203 -32.77 -17.32 10.18
N ASP B 204 -32.39 -18.59 10.08
CA ASP B 204 -31.64 -19.31 11.13
C ASP B 204 -30.22 -18.83 11.23
N ALA B 205 -29.64 -18.54 10.06
CA ALA B 205 -28.28 -18.02 10.03
C ALA B 205 -28.27 -16.60 10.59
N ILE B 206 -29.24 -15.78 10.17
CA ILE B 206 -29.42 -14.42 10.75
C ILE B 206 -29.54 -14.54 12.27
N GLU B 207 -30.29 -15.55 12.72
CA GLU B 207 -30.52 -15.78 14.13
C GLU B 207 -29.23 -16.23 14.79
N GLU B 208 -28.53 -17.21 14.21
CA GLU B 208 -27.24 -17.62 14.78
C GLU B 208 -26.23 -16.45 14.82
N ALA B 209 -26.35 -15.56 13.85
CA ALA B 209 -25.42 -14.46 13.75
C ALA B 209 -25.67 -13.41 14.83
N LYS B 210 -26.95 -13.04 15.02
CA LYS B 210 -27.36 -12.13 16.14
C LYS B 210 -26.76 -12.67 17.42
N SER B 211 -27.00 -13.96 17.66
CA SER B 211 -26.54 -14.61 18.88
C SER B 211 -25.03 -14.51 19.08
N LEU B 212 -24.26 -14.46 17.98
CA LEU B 212 -22.79 -14.31 18.11
C LEU B 212 -22.32 -12.84 18.16
N GLY B 213 -23.23 -11.88 18.06
CA GLY B 213 -22.83 -10.49 17.98
C GLY B 213 -22.18 -10.07 16.66
N ILE B 214 -22.33 -10.85 15.60
CA ILE B 214 -21.76 -10.47 14.33
C ILE B 214 -22.81 -9.72 13.53
N LEU B 215 -24.11 -10.03 13.70
CA LEU B 215 -25.18 -9.11 13.26
C LEU B 215 -25.79 -8.39 14.44
N GLU B 216 -26.44 -7.27 14.19
CA GLU B 216 -27.16 -6.49 15.21
C GLU B 216 -28.64 -6.82 15.19
N GLU B 217 -29.39 -6.29 16.17
CA GLU B 217 -30.81 -6.60 16.31
C GLU B 217 -31.55 -6.30 15.00
N ASP B 218 -31.39 -5.08 14.48
CA ASP B 218 -31.74 -4.75 13.09
C ASP B 218 -30.49 -5.02 12.23
N PRO B 219 -30.52 -6.12 11.42
CA PRO B 219 -29.34 -6.62 10.72
C PRO B 219 -29.15 -5.97 9.33
N SER B 220 -30.07 -5.08 8.98
CA SER B 220 -30.22 -4.52 7.67
C SER B 220 -28.93 -3.98 7.02
N LYS B 221 -28.14 -3.23 7.78
CA LYS B 221 -26.95 -2.54 7.25
C LYS B 221 -25.99 -3.51 6.53
N ASP B 222 -25.81 -4.70 7.11
CA ASP B 222 -25.05 -5.78 6.54
C ASP B 222 -25.83 -6.53 5.47
N ILE B 223 -27.03 -7.04 5.84
CA ILE B 223 -27.79 -8.01 5.01
C ILE B 223 -28.29 -7.41 3.72
N ASP B 224 -28.75 -6.17 3.80
CA ASP B 224 -29.23 -5.46 2.61
C ASP B 224 -28.17 -4.69 1.85
N GLY B 225 -26.90 -4.86 2.23
CA GLY B 225 -25.77 -4.34 1.43
C GLY B 225 -25.39 -2.89 1.63
N ILE B 226 -25.86 -2.29 2.72
CA ILE B 226 -25.69 -0.87 2.96
C ILE B 226 -24.20 -0.56 3.26
N ASP B 227 -23.66 -1.27 4.23
CA ASP B 227 -22.27 -1.19 4.64
C ASP B 227 -21.33 -1.36 3.43
N ALA B 228 -21.57 -2.44 2.69
CA ALA B 228 -20.79 -2.71 1.50
C ALA B 228 -20.91 -1.57 0.51
N TYR B 229 -22.08 -0.98 0.39
CA TYR B 229 -22.27 0.11 -0.60
C TYR B 229 -21.53 1.36 -0.13
N TYR B 230 -21.58 1.67 1.16
CA TYR B 230 -20.80 2.78 1.62
C TYR B 230 -19.31 2.62 1.27
N LYS B 231 -18.75 1.45 1.54
CA LYS B 231 -17.38 1.19 1.27
C LYS B 231 -17.01 1.28 -0.19
N ALA B 232 -17.89 0.82 -1.06
CA ALA B 232 -17.69 0.93 -2.48
C ALA B 232 -17.61 2.38 -2.97
N LYS B 233 -18.45 3.22 -2.40
CA LYS B 233 -18.44 4.64 -2.68
C LYS B 233 -17.15 5.30 -2.26
N ILE B 234 -16.63 4.91 -1.13
CA ILE B 234 -15.34 5.37 -0.71
C ILE B 234 -14.27 4.92 -1.69
N LEU B 235 -14.29 3.66 -2.12
CA LEU B 235 -13.37 3.20 -3.18
C LEU B 235 -13.51 3.98 -4.51
N HIS B 236 -14.73 4.28 -4.89
CA HIS B 236 -15.00 5.06 -6.08
C HIS B 236 -14.56 6.47 -5.93
N TRP B 237 -14.72 7.03 -4.74
CA TRP B 237 -14.17 8.39 -4.54
C TRP B 237 -12.66 8.50 -4.73
N VAL B 238 -11.94 7.61 -4.07
CA VAL B 238 -10.50 7.61 -4.15
C VAL B 238 -10.08 7.35 -5.61
N SER B 239 -10.74 6.41 -6.27
CA SER B 239 -10.25 6.02 -7.59
C SER B 239 -10.50 7.03 -8.71
N TYR B 240 -11.64 7.70 -8.67
CA TYR B 240 -12.08 8.56 -9.78
C TYR B 240 -12.35 10.03 -9.36
N GLY B 241 -12.47 10.31 -8.07
CA GLY B 241 -12.53 11.69 -7.62
C GLY B 241 -13.89 12.31 -7.85
N GLU B 242 -14.93 11.48 -7.89
CA GLU B 242 -16.27 11.97 -8.12
C GLU B 242 -17.25 10.87 -7.72
N PRO B 243 -18.54 11.20 -7.54
CA PRO B 243 -19.53 10.18 -7.20
C PRO B 243 -19.92 9.40 -8.43
N PRO B 244 -20.45 8.20 -8.25
CA PRO B 244 -20.91 7.44 -9.41
C PRO B 244 -22.26 7.99 -9.94
N GLU B 245 -22.51 7.74 -11.21
CA GLU B 245 -23.71 8.13 -11.91
C GLU B 245 -24.67 6.95 -12.05
N GLU B 246 -24.17 5.72 -11.95
CA GLU B 246 -25.01 4.51 -12.01
C GLU B 246 -24.78 3.72 -10.72
N GLU B 247 -25.85 3.34 -10.05
CA GLU B 247 -25.79 2.77 -8.72
C GLU B 247 -26.70 1.58 -8.62
N GLU B 248 -26.21 0.50 -8.05
CA GLU B 248 -27.03 -0.63 -7.80
C GLU B 248 -26.60 -1.19 -6.45
N ARG B 249 -27.57 -1.45 -5.60
CA ARG B 249 -27.33 -2.09 -4.35
C ARG B 249 -28.36 -3.16 -4.10
N LEU B 250 -27.86 -4.37 -3.89
CA LEU B 250 -28.66 -5.49 -3.52
C LEU B 250 -27.99 -6.28 -2.43
N GLY B 251 -28.81 -6.83 -1.53
CA GLY B 251 -28.35 -7.58 -0.41
C GLY B 251 -28.47 -9.04 -0.71
N ILE B 252 -28.35 -9.85 0.33
CA ILE B 252 -28.30 -11.28 0.15
C ILE B 252 -29.62 -11.95 0.44
N ARG B 253 -30.68 -11.21 0.71
CA ARG B 253 -31.98 -11.83 1.05
C ARG B 253 -32.59 -12.82 0.04
N GLU B 254 -32.39 -12.60 -1.25
CA GLU B 254 -32.95 -13.46 -2.30
C GLU B 254 -31.98 -14.55 -2.68
N VAL B 255 -30.91 -14.74 -1.94
CA VAL B 255 -29.95 -15.70 -2.37
C VAL B 255 -30.54 -17.06 -2.07
N ARG B 256 -30.64 -17.91 -3.08
CA ARG B 256 -31.28 -19.21 -2.91
C ARG B 256 -30.16 -20.20 -2.64
N ASP B 257 -29.20 -20.25 -3.54
CA ASP B 257 -28.04 -21.13 -3.36
C ASP B 257 -26.75 -20.31 -3.04
N ALA B 258 -26.21 -20.47 -1.84
CA ALA B 258 -25.12 -19.67 -1.28
C ALA B 258 -23.73 -20.26 -1.49
N ARG B 259 -23.62 -21.39 -2.19
CA ARG B 259 -22.32 -22.02 -2.31
C ARG B 259 -21.42 -21.09 -3.08
N ASN B 260 -20.27 -20.77 -2.50
CA ASN B 260 -19.28 -19.95 -3.24
C ASN B 260 -19.85 -18.60 -3.75
N VAL B 261 -20.82 -18.05 -3.03
CA VAL B 261 -21.38 -16.78 -3.28
C VAL B 261 -20.84 -15.85 -2.19
N ARG B 262 -20.61 -14.59 -2.56
CA ARG B 262 -20.21 -13.55 -1.66
C ARG B 262 -20.89 -12.30 -2.10
N LEU B 263 -21.04 -11.37 -1.17
CA LEU B 263 -21.60 -10.09 -1.49
C LEU B 263 -20.39 -9.26 -2.01
N VAL B 264 -20.45 -8.95 -3.30
CA VAL B 264 -19.34 -8.35 -4.03
C VAL B 264 -19.67 -6.96 -4.44
N ALA B 265 -18.71 -6.06 -4.15
CA ALA B 265 -18.75 -4.68 -4.60
C ALA B 265 -17.96 -4.50 -5.88
N GLN B 266 -18.60 -3.96 -6.89
CA GLN B 266 -17.96 -3.84 -8.17
C GLN B 266 -17.91 -2.37 -8.54
N VAL B 267 -16.71 -1.81 -8.62
CA VAL B 267 -16.55 -0.40 -8.82
C VAL B 267 -15.80 -0.16 -10.09
N SER B 268 -16.34 0.72 -10.91
CA SER B 268 -15.62 1.21 -12.11
C SER B 268 -15.98 2.65 -12.34
N LYS B 269 -15.36 3.30 -13.32
CA LYS B 269 -15.60 4.73 -13.44
C LYS B 269 -17.09 5.04 -13.70
N GLY B 270 -17.68 5.82 -12.84
CA GLY B 270 -19.07 6.18 -12.94
C GLY B 270 -20.10 5.18 -12.46
N LYS B 271 -19.67 4.07 -11.91
CA LYS B 271 -20.58 2.96 -11.67
C LYS B 271 -20.20 2.10 -10.45
N ILE B 272 -21.18 1.83 -9.61
CA ILE B 272 -21.01 0.90 -8.53
C ILE B 272 -22.17 -0.07 -8.51
N SER B 273 -21.86 -1.35 -8.39
CA SER B 273 -22.83 -2.39 -8.21
C SER B 273 -22.40 -3.34 -7.07
N VAL B 274 -23.18 -3.32 -5.99
CA VAL B 274 -23.06 -4.27 -4.89
C VAL B 274 -24.17 -5.29 -5.03
N LYS B 275 -23.81 -6.55 -5.09
CA LYS B 275 -24.77 -7.66 -5.17
C LYS B 275 -24.08 -8.95 -5.02
N PRO B 276 -24.84 -10.00 -4.72
CA PRO B 276 -24.23 -11.28 -4.51
C PRO B 276 -23.70 -11.76 -5.84
N ARG B 277 -22.56 -12.44 -5.85
CA ARG B 277 -21.94 -12.90 -7.12
C ARG B 277 -21.30 -14.21 -6.80
N LYS B 278 -21.32 -15.10 -7.81
CA LYS B 278 -20.77 -16.44 -7.73
C LYS B 278 -19.31 -16.38 -8.09
N LEU B 279 -18.54 -17.15 -7.37
CA LEU B 279 -17.14 -17.20 -7.50
C LEU B 279 -16.63 -18.64 -7.65
N SER B 280 -15.70 -18.88 -8.60
CA SER B 280 -14.93 -20.09 -8.67
C SER B 280 -14.12 -20.23 -7.40
N SER B 281 -13.72 -21.45 -7.14
CA SER B 281 -13.19 -21.81 -5.84
C SER B 281 -11.78 -21.26 -5.67
N ASP B 282 -11.14 -20.87 -6.76
CA ASP B 282 -9.81 -20.28 -6.68
C ASP B 282 -9.87 -18.70 -6.84
N ASN B 283 -11.04 -18.08 -6.87
CA ASN B 283 -11.06 -16.63 -6.94
C ASN B 283 -10.56 -15.97 -5.61
N PRO B 284 -9.70 -14.96 -5.70
CA PRO B 284 -9.15 -14.39 -4.46
C PRO B 284 -10.18 -13.77 -3.60
N LEU B 285 -11.34 -13.44 -4.16
CA LEU B 285 -12.41 -12.84 -3.39
C LEU B 285 -13.24 -13.86 -2.59
N LEU B 286 -12.94 -15.14 -2.74
CA LEU B 286 -13.72 -16.23 -2.02
C LEU B 286 -13.14 -16.35 -0.64
N VAL B 287 -13.48 -15.41 0.19
CA VAL B 287 -12.74 -15.15 1.41
C VAL B 287 -13.58 -15.83 2.55
N GLU B 288 -12.95 -16.27 3.62
CA GLU B 288 -13.70 -16.84 4.78
C GLU B 288 -13.52 -16.03 6.04
N GLY B 289 -14.44 -16.14 7.00
CA GLY B 289 -14.23 -15.57 8.32
C GLY B 289 -14.22 -14.06 8.28
N VAL B 290 -13.26 -13.47 8.97
CA VAL B 290 -13.14 -12.02 9.02
C VAL B 290 -12.41 -11.43 7.81
N GLN B 291 -11.90 -12.27 6.89
CA GLN B 291 -11.06 -11.78 5.79
C GLN B 291 -11.87 -10.96 4.81
N ASN B 292 -11.24 -9.94 4.22
CA ASN B 292 -11.78 -9.20 3.09
C ASN B 292 -10.76 -9.27 1.98
N ALA B 293 -11.15 -8.86 0.79
CA ALA B 293 -10.20 -8.86 -0.30
C ALA B 293 -10.63 -7.95 -1.40
N ALA B 294 -9.63 -7.46 -2.14
CA ALA B 294 -9.92 -6.55 -3.23
C ALA B 294 -9.00 -6.92 -4.40
N VAL B 295 -9.58 -6.90 -5.60
CA VAL B 295 -8.85 -7.00 -6.83
C VAL B 295 -8.95 -5.66 -7.53
N ILE B 296 -7.81 -5.03 -7.74
CA ILE B 296 -7.72 -3.73 -8.38
C ILE B 296 -7.14 -3.96 -9.78
N ARG B 297 -7.82 -3.60 -10.83
CA ARG B 297 -7.25 -3.87 -12.17
C ARG B 297 -6.89 -2.52 -12.73
N THR B 298 -5.63 -2.37 -13.09
CA THR B 298 -5.20 -1.11 -13.70
C THR B 298 -4.64 -1.35 -15.11
N ASN B 299 -4.35 -0.26 -15.81
CA ASN B 299 -3.84 -0.29 -17.17
C ASN B 299 -2.45 -0.83 -17.22
N ASN B 300 -1.50 -0.40 -16.38
CA ASN B 300 -0.15 -0.95 -16.49
C ASN B 300 0.07 -2.23 -15.73
N LEU B 301 -0.77 -2.54 -14.74
CA LEU B 301 -0.46 -3.70 -13.89
C LEU B 301 -1.39 -4.88 -14.07
N GLY B 302 -2.54 -4.71 -14.71
CA GLY B 302 -3.51 -5.73 -14.61
C GLY B 302 -4.05 -5.81 -13.16
N GLU B 303 -4.30 -7.00 -12.67
CA GLU B 303 -4.89 -7.23 -11.38
C GLU B 303 -3.82 -7.17 -10.29
N VAL B 304 -4.11 -6.38 -9.31
CA VAL B 304 -3.34 -6.36 -8.06
C VAL B 304 -4.27 -6.80 -6.98
N ILE B 305 -3.81 -7.70 -6.13
CA ILE B 305 -4.76 -8.30 -5.17
C ILE B 305 -4.29 -8.00 -3.75
N LEU B 306 -5.20 -7.52 -2.92
CA LEU B 306 -4.87 -7.26 -1.51
C LEU B 306 -5.91 -7.94 -0.62
N LYS B 307 -5.41 -8.64 0.39
CA LYS B 307 -6.28 -9.43 1.23
C LYS B 307 -5.85 -9.27 2.68
N GLY B 308 -6.82 -9.14 3.59
CA GLY B 308 -6.50 -9.08 4.99
C GLY B 308 -7.74 -9.00 5.87
N PRO B 309 -7.56 -8.96 7.17
CA PRO B 309 -8.70 -8.84 8.06
C PRO B 309 -9.44 -7.55 7.86
N GLY B 310 -10.75 -7.66 7.82
CA GLY B 310 -11.60 -6.53 7.64
C GLY B 310 -12.37 -6.01 8.85
N GLY B 311 -11.99 -6.44 10.05
CA GLY B 311 -12.75 -6.07 11.25
C GLY B 311 -12.11 -6.53 12.54
N GLY B 312 -12.59 -6.03 13.67
CA GLY B 312 -11.91 -6.32 14.93
C GLY B 312 -11.29 -5.04 15.51
N GLY B 313 -11.11 -5.06 16.85
CA GLY B 313 -10.61 -3.96 17.62
C GLY B 313 -9.23 -3.50 17.16
N ARG B 314 -8.24 -4.28 17.51
CA ARG B 314 -6.88 -4.02 17.13
C ARG B 314 -6.64 -3.80 15.58
N VAL B 315 -7.40 -4.54 14.79
CA VAL B 315 -7.26 -4.62 13.37
C VAL B 315 -7.65 -3.30 12.85
N THR B 316 -8.82 -2.82 13.29
CA THR B 316 -9.29 -1.48 12.93
C THR B 316 -8.47 -0.32 13.45
N ALA B 317 -7.99 -0.48 14.66
CA ALA B 317 -7.22 0.57 15.24
C ALA B 317 -5.87 0.68 14.58
N SER B 318 -5.34 -0.45 14.06
CA SER B 318 -4.11 -0.41 13.27
C SER B 318 -4.17 0.65 12.17
N GLY B 319 -5.29 0.65 11.50
CA GLY B 319 -5.48 1.54 10.39
C GLY B 319 -5.56 2.97 10.83
N VAL B 320 -6.36 3.20 11.89
CA VAL B 320 -6.47 4.57 12.33
C VAL B 320 -5.14 5.06 12.83
N PHE B 321 -4.38 4.19 13.47
CA PHE B 321 -3.08 4.60 13.93
C PHE B 321 -2.14 5.04 12.81
N THR B 322 -2.09 4.22 11.74
CA THR B 322 -1.34 4.62 10.55
C THR B 322 -1.79 6.06 10.13
N ASP B 323 -3.08 6.23 9.97
CA ASP B 323 -3.58 7.54 9.52
C ASP B 323 -3.15 8.67 10.47
N ILE B 324 -3.01 8.34 11.76
CA ILE B 324 -2.57 9.35 12.70
C ILE B 324 -1.18 9.79 12.39
N ILE B 325 -0.29 8.84 12.15
CA ILE B 325 1.10 9.19 11.91
C ILE B 325 1.14 10.00 10.60
N LYS B 326 0.27 9.64 9.64
CA LYS B 326 0.24 10.38 8.37
C LYS B 326 -0.29 11.80 8.55
N ALA B 327 -1.32 11.98 9.36
CA ALA B 327 -1.80 13.37 9.62
C ALA B 327 -0.72 14.20 10.33
N THR B 328 0.01 13.56 11.21
CA THR B 328 1.04 14.19 11.93
C THR B 328 2.14 14.61 11.00
N LEU B 329 2.61 13.73 10.14
CA LEU B 329 3.66 14.11 9.22
C LEU B 329 3.19 14.90 8.01
N LYS B 330 1.91 15.28 7.97
CA LYS B 330 1.27 15.97 6.85
C LYS B 330 1.42 15.22 5.50
N PHE B 331 1.08 13.94 5.44
CA PHE B 331 1.06 13.24 4.14
C PHE B 331 0.11 14.03 3.30
N PRO B 332 0.40 14.20 2.02
CA PRO B 332 -0.57 14.83 1.10
C PRO B 332 -1.74 13.91 0.80
N ASN B 333 -2.83 14.49 0.32
CA ASN B 333 -4.02 13.85 -0.14
C ASN B 333 -4.11 14.05 -1.66
N LEU B 334 -3.43 13.20 -2.42
CA LEU B 334 -3.40 13.31 -3.88
C LEU B 334 -4.69 12.88 -4.57
N ARG B 335 -5.36 11.93 -3.95
CA ARG B 335 -6.65 11.47 -4.30
C ARG B 335 -7.43 11.37 -2.97
#